data_2J1P
#
_entry.id   2J1P
#
_cell.length_a   53.803
_cell.length_b   91.551
_cell.length_c   56.286
_cell.angle_alpha   90.00
_cell.angle_beta   96.89
_cell.angle_gamma   90.00
#
_symmetry.space_group_name_H-M   'P 1 21 1'
#
loop_
_entity.id
_entity.type
_entity.pdbx_description
1 polymer 'GERANYLGERANYL PYROPHOSPHATE SYNTHETASE'
2 non-polymer 'GERANYLGERANYL DIPHOSPHATE'
3 non-polymer S-1,2-PROPANEDIOL
4 non-polymer BETA-MERCAPTOETHANOL
5 water water
#
_entity_poly.entity_id   1
_entity_poly.type   'polypeptide(L)'
_entity_poly.pdbx_seq_one_letter_code
;(MSE)(MSE)RGSHHHHHTDPISYIIRKADSVNKALDSAVPLREPLKIHEA(MSE)RYSLLAGGKRVRPVLCIAACELVG
GEESLA(MSE)PAACAVE(MSE)IHT(MSE)SLIHDDLPC(MSE)DNDDLRRGKPTNHKVYGEDVAVLAGDALLSFAFEH
LASATSSEVSPARVVRAVGELAKAIGTEGLVAGQVVDISSEGLDLNNVGLEHLKFIHLHKTAALLEASAVLGGIIGGGSD
EEIERLRKFARCIGLLFQVVDDILDVTKSSKLTYPKL(MSE)GLEKSREFAEKLNTEARDQLLGFDSDKVAPLLALANYI
ANRQN
;
_entity_poly.pdbx_strand_id   A,B
#
loop_
_chem_comp.id
_chem_comp.type
_chem_comp.name
_chem_comp.formula
BME non-polymer BETA-MERCAPTOETHANOL 'C2 H6 O S'
GRG non-polymer 'GERANYLGERANYL DIPHOSPHATE' 'C20 H36 O7 P2'
PGO non-polymer S-1,2-PROPANEDIOL 'C3 H8 O2'
#
# COMPACT_ATOMS: atom_id res chain seq x y z
N PRO A 13 21.88 23.05 -7.67
CA PRO A 13 22.05 23.44 -6.29
C PRO A 13 20.68 23.53 -5.59
N ILE A 14 20.63 24.14 -4.41
CA ILE A 14 19.35 24.38 -3.72
C ILE A 14 18.29 24.87 -4.74
N SER A 15 18.71 25.61 -5.75
CA SER A 15 17.83 26.08 -6.84
C SER A 15 17.19 24.93 -7.62
N TYR A 16 17.99 23.95 -8.04
CA TYR A 16 17.46 22.77 -8.72
C TYR A 16 16.42 22.08 -7.83
N ILE A 17 16.78 21.82 -6.58
CA ILE A 17 15.88 21.14 -5.63
C ILE A 17 14.66 21.97 -5.35
N ILE A 18 14.86 23.26 -5.08
CA ILE A 18 13.72 24.15 -4.80
C ILE A 18 12.76 24.10 -5.96
N ARG A 19 13.28 24.19 -7.18
CA ARG A 19 12.41 24.29 -8.36
C ARG A 19 11.72 22.99 -8.66
N LYS A 20 12.44 21.86 -8.56
CA LYS A 20 11.81 20.56 -8.74
C LYS A 20 10.85 20.26 -7.58
N ALA A 21 11.22 20.67 -6.36
CA ALA A 21 10.34 20.53 -5.22
C ALA A 21 9.06 21.30 -5.45
N ASP A 22 9.15 22.46 -6.08
CA ASP A 22 7.92 23.19 -6.35
C ASP A 22 7.02 22.49 -7.37
N SER A 23 7.62 21.91 -8.41
CA SER A 23 6.81 21.19 -9.39
C SER A 23 6.22 19.95 -8.77
N VAL A 24 6.90 19.34 -7.82
CA VAL A 24 6.37 18.19 -7.12
C VAL A 24 5.15 18.60 -6.30
N ASN A 25 5.29 19.68 -5.52
CA ASN A 25 4.16 20.23 -4.77
C ASN A 25 2.91 20.43 -5.62
N LYS A 26 3.09 21.03 -6.79
CA LYS A 26 1.94 21.24 -7.69
C LYS A 26 1.32 19.94 -8.18
N ALA A 27 2.18 18.98 -8.51
CA ALA A 27 1.75 17.62 -8.89
C ALA A 27 1.04 16.90 -7.78
N LEU A 28 1.47 17.08 -6.54
CA LEU A 28 0.83 16.43 -5.42
C LEU A 28 -0.56 17.01 -5.18
N ASP A 29 -0.66 18.32 -5.30
CA ASP A 29 -1.91 19.02 -5.14
C ASP A 29 -2.89 18.45 -6.16
N SER A 30 -2.48 18.41 -7.43
CA SER A 30 -3.29 17.85 -8.51
C SER A 30 -3.64 16.39 -8.34
N ALA A 31 -2.71 15.60 -7.80
CA ALA A 31 -2.88 14.14 -7.73
C ALA A 31 -3.90 13.70 -6.69
N VAL A 32 -3.98 14.46 -5.60
CA VAL A 32 -4.87 14.18 -4.50
C VAL A 32 -5.73 15.42 -4.21
N PRO A 33 -6.73 15.71 -5.08
CA PRO A 33 -7.64 16.87 -4.97
C PRO A 33 -8.65 16.62 -3.89
N LEU A 34 -9.28 17.68 -3.42
CA LEU A 34 -10.37 17.56 -2.48
C LEU A 34 -11.64 17.09 -3.19
N ARG A 35 -12.04 15.86 -2.92
CA ARG A 35 -13.32 15.36 -3.37
C ARG A 35 -13.88 14.46 -2.31
N GLU A 36 -15.07 13.90 -2.57
CA GLU A 36 -15.70 12.99 -1.64
C GLU A 36 -14.98 11.65 -1.52
N PRO A 37 -14.97 11.09 -0.30
CA PRO A 37 -15.39 11.70 0.95
C PRO A 37 -14.40 12.79 1.35
N LEU A 38 -14.91 13.94 1.73
CA LEU A 38 -14.08 15.11 1.93
C LEU A 38 -13.11 15.03 3.12
N LYS A 39 -13.54 14.54 4.25
CA LYS A 39 -12.68 14.54 5.43
C LYS A 39 -11.40 13.76 5.14
N ILE A 40 -11.55 12.61 4.53
CA ILE A 40 -10.39 11.72 4.30
C ILE A 40 -9.41 12.40 3.38
N HIS A 41 -9.92 13.01 2.31
CA HIS A 41 -9.07 13.81 1.42
C HIS A 41 -8.40 15.00 2.09
N GLU A 42 -9.13 15.70 2.95
CA GLU A 42 -8.52 16.77 3.76
C GLU A 42 -7.38 16.24 4.62
N ALA A 43 -7.59 15.11 5.28
CA ALA A 43 -6.59 14.57 6.16
C ALA A 43 -5.36 14.12 5.32
N MSE A 44 -5.57 13.52 4.14
CA MSE A 44 -4.45 13.11 3.27
C MSE A 44 -3.62 14.31 2.83
O MSE A 44 -2.40 14.33 2.99
CB MSE A 44 -4.96 12.35 2.07
CG MSE A 44 -5.57 10.98 2.45
SE MSE A 44 -6.65 10.30 0.94
CE MSE A 44 -5.18 9.79 -0.29
N ARG A 45 -4.31 15.33 2.32
CA ARG A 45 -3.71 16.60 1.91
C ARG A 45 -3.01 17.37 3.05
N TYR A 46 -3.55 17.29 4.26
CA TYR A 46 -2.98 18.02 5.41
C TYR A 46 -1.50 17.65 5.54
N SER A 47 -1.25 16.37 5.42
CA SER A 47 0.04 15.78 5.63
C SER A 47 0.85 15.76 4.36
N LEU A 48 0.21 15.52 3.24
CA LEU A 48 0.96 15.39 1.98
C LEU A 48 1.46 16.75 1.55
N LEU A 49 0.65 17.77 1.77
CA LEU A 49 0.91 19.10 1.20
C LEU A 49 1.52 20.09 2.20
N ALA A 50 1.92 19.58 3.36
CA ALA A 50 2.73 20.30 4.32
C ALA A 50 4.15 20.59 3.74
N GLY A 51 5.07 21.04 4.57
CA GLY A 51 6.36 21.54 4.05
C GLY A 51 7.53 20.57 3.94
N GLY A 52 7.32 19.38 3.44
CA GLY A 52 8.47 18.52 3.12
C GLY A 52 9.45 19.19 2.18
N LYS A 53 10.75 18.91 2.35
CA LYS A 53 11.80 19.34 1.41
C LYS A 53 11.75 18.58 0.07
N ARG A 54 11.03 17.46 0.05
CA ARG A 54 10.79 16.66 -1.17
C ARG A 54 12.04 16.00 -1.75
N VAL A 55 13.05 15.73 -0.93
CA VAL A 55 14.24 15.09 -1.46
C VAL A 55 13.94 13.78 -2.23
N ARG A 56 12.99 12.97 -1.77
CA ARG A 56 12.74 11.65 -2.39
C ARG A 56 12.20 11.80 -3.82
N PRO A 57 11.10 12.56 -4.00
CA PRO A 57 10.62 12.74 -5.39
C PRO A 57 11.59 13.48 -6.30
N VAL A 58 12.37 14.41 -5.74
CA VAL A 58 13.35 15.15 -6.54
C VAL A 58 14.47 14.18 -6.96
N LEU A 59 14.90 13.30 -6.07
CA LEU A 59 15.91 12.30 -6.45
C LEU A 59 15.32 11.40 -7.57
N CYS A 60 14.05 11.06 -7.45
CA CYS A 60 13.42 10.26 -8.45
C CYS A 60 13.52 10.96 -9.82
N ILE A 61 13.09 12.22 -9.84
CA ILE A 61 13.11 13.02 -11.06
C ILE A 61 14.53 13.13 -11.61
N ALA A 62 15.47 13.40 -10.70
CA ALA A 62 16.86 13.58 -11.07
C ALA A 62 17.44 12.31 -11.73
N ALA A 63 17.08 11.16 -11.17
CA ALA A 63 17.56 9.88 -11.61
C ALA A 63 17.00 9.53 -12.99
N CYS A 64 15.75 9.87 -13.19
CA CYS A 64 15.10 9.75 -14.50
C CYS A 64 15.81 10.57 -15.57
N GLU A 65 16.06 11.85 -15.28
CA GLU A 65 16.76 12.71 -16.21
C GLU A 65 18.18 12.22 -16.45
N LEU A 66 18.86 11.75 -15.39
CA LEU A 66 20.27 11.30 -15.54
C LEU A 66 20.42 10.24 -16.63
N VAL A 67 19.39 9.39 -16.74
CA VAL A 67 19.42 8.27 -17.67
C VAL A 67 18.85 8.60 -19.04
N GLY A 68 18.50 9.86 -19.28
CA GLY A 68 17.84 10.30 -20.50
C GLY A 68 16.33 10.42 -20.51
N GLY A 69 15.65 10.22 -19.37
CA GLY A 69 14.21 10.46 -19.29
C GLY A 69 13.86 11.93 -19.14
N GLU A 70 12.58 12.26 -18.97
CA GLU A 70 12.16 13.64 -18.71
C GLU A 70 11.39 13.65 -17.46
N GLU A 71 11.34 14.81 -16.81
CA GLU A 71 10.66 14.97 -15.56
C GLU A 71 9.26 14.40 -15.64
N SER A 72 8.56 14.66 -16.76
CA SER A 72 7.17 14.23 -16.86
C SER A 72 7.03 12.72 -16.75
N LEU A 73 7.98 11.95 -17.29
CA LEU A 73 7.89 10.50 -17.23
C LEU A 73 7.86 9.97 -15.78
N ALA A 74 8.75 10.54 -14.95
CA ALA A 74 8.97 10.13 -13.58
C ALA A 74 7.99 10.75 -12.58
N MSE A 75 7.23 11.77 -13.00
CA MSE A 75 6.47 12.53 -12.02
C MSE A 75 5.46 11.64 -11.26
O MSE A 75 5.31 11.78 -10.01
CB MSE A 75 5.81 13.74 -12.62
CG MSE A 75 5.08 14.62 -11.59
SE MSE A 75 6.29 15.27 -10.10
CE MSE A 75 6.93 16.93 -10.96
N PRO A 76 4.71 10.78 -11.98
CA PRO A 76 3.87 9.91 -11.10
C PRO A 76 4.60 9.04 -10.08
N ALA A 77 5.70 8.42 -10.49
CA ALA A 77 6.55 7.69 -9.58
C ALA A 77 7.08 8.54 -8.40
N ALA A 78 7.49 9.76 -8.70
CA ALA A 78 8.01 10.70 -7.74
C ALA A 78 6.92 11.02 -6.72
N CYS A 79 5.70 11.29 -7.19
CA CYS A 79 4.57 11.48 -6.28
C CYS A 79 4.29 10.28 -5.40
N ALA A 80 4.39 9.08 -5.98
CA ALA A 80 4.17 7.84 -5.20
C ALA A 80 5.14 7.71 -4.07
N VAL A 81 6.45 7.87 -4.32
CA VAL A 81 7.42 7.78 -3.23
C VAL A 81 7.17 8.84 -2.13
N GLU A 82 6.77 10.01 -2.52
CA GLU A 82 6.43 11.04 -1.50
C GLU A 82 5.16 10.72 -0.72
N MSE A 83 4.15 10.18 -1.40
CA MSE A 83 2.97 9.65 -0.70
C MSE A 83 3.32 8.55 0.30
O MSE A 83 2.83 8.54 1.41
CB MSE A 83 1.94 9.11 -1.69
CG MSE A 83 1.27 10.23 -2.49
SE MSE A 83 0.11 9.33 -3.85
CE MSE A 83 0.11 10.79 -5.22
N ILE A 84 4.21 7.68 -0.10
CA ILE A 84 4.68 6.68 0.80
C ILE A 84 5.50 7.28 1.94
N HIS A 85 6.38 8.24 1.66
CA HIS A 85 7.09 8.91 2.73
C HIS A 85 6.09 9.54 3.70
N THR A 86 5.08 10.21 3.15
CA THR A 86 4.09 10.89 3.98
C THR A 86 3.37 9.89 4.91
N MSE A 87 2.89 8.79 4.35
CA MSE A 87 2.12 7.80 5.09
C MSE A 87 2.97 7.19 6.21
O MSE A 87 2.46 6.95 7.31
CB MSE A 87 1.58 6.71 4.15
CG MSE A 87 1.28 5.42 4.79
SE MSE A 87 2.83 4.22 4.85
CE MSE A 87 1.86 2.77 5.85
N SER A 88 4.27 7.02 5.95
CA SER A 88 5.19 6.51 6.98
C SER A 88 5.30 7.40 8.18
N LEU A 89 5.21 8.70 7.95
CA LEU A 89 5.28 9.69 8.99
C LEU A 89 4.00 9.66 9.79
N ILE A 90 2.88 9.57 9.08
CA ILE A 90 1.55 9.59 9.68
C ILE A 90 1.45 8.45 10.64
N HIS A 91 1.87 7.25 10.21
CA HIS A 91 1.78 6.08 11.07
C HIS A 91 2.83 6.13 12.21
N ASP A 92 4.02 6.62 11.89
CA ASP A 92 5.10 6.64 12.90
C ASP A 92 4.73 7.54 14.07
N ASP A 93 4.01 8.62 13.75
CA ASP A 93 3.61 9.65 14.70
C ASP A 93 2.50 9.22 15.66
N LEU A 94 1.78 8.15 15.35
CA LEU A 94 0.70 7.71 16.20
C LEU A 94 1.16 7.44 17.60
N PRO A 95 0.25 7.60 18.60
CA PRO A 95 0.56 7.28 19.99
C PRO A 95 1.20 5.91 20.22
N CYS A 96 0.73 4.89 19.50
CA CYS A 96 1.30 3.54 19.69
C CYS A 96 2.71 3.37 19.16
N MSE A 97 3.18 4.33 18.38
CA MSE A 97 4.55 4.33 17.94
C MSE A 97 5.35 5.49 18.50
O MSE A 97 5.60 5.52 19.69
CB MSE A 97 4.57 4.22 16.41
CG MSE A 97 3.89 2.96 16.08
SE MSE A 97 4.65 2.05 14.65
CE MSE A 97 2.99 2.20 13.56
N ASP A 98 5.72 6.49 17.70
CA ASP A 98 6.57 7.55 18.23
C ASP A 98 5.82 8.54 19.08
N ASN A 99 4.51 8.58 18.94
CA ASN A 99 3.68 9.49 19.72
C ASN A 99 4.17 10.93 19.57
N ASP A 100 4.16 11.42 18.34
CA ASP A 100 4.58 12.79 18.04
C ASP A 100 3.33 13.69 17.95
N ASP A 101 3.29 14.74 18.79
CA ASP A 101 2.23 15.76 18.72
C ASP A 101 2.58 16.79 17.67
N LEU A 102 3.87 16.94 17.39
CA LEU A 102 4.37 17.92 16.45
C LEU A 102 5.29 17.27 15.46
N ARG A 103 5.21 17.74 14.22
CA ARG A 103 6.16 17.40 13.18
C ARG A 103 6.16 18.55 12.19
N ARG A 104 7.34 18.87 11.65
CA ARG A 104 7.49 20.04 10.79
C ARG A 104 7.09 21.33 11.53
N GLY A 105 7.10 21.29 12.87
CA GLY A 105 6.61 22.41 13.68
C GLY A 105 5.11 22.65 13.57
N LYS A 106 4.33 21.58 13.41
CA LYS A 106 2.89 21.68 13.19
C LYS A 106 2.18 20.48 13.84
N PRO A 107 0.91 20.64 14.24
CA PRO A 107 0.21 19.47 14.77
C PRO A 107 0.25 18.25 13.81
N THR A 108 0.45 17.07 14.37
CA THR A 108 0.49 15.85 13.59
C THR A 108 -0.92 15.43 13.21
N ASN A 109 -0.98 14.54 12.22
CA ASN A 109 -2.24 14.20 11.59
C ASN A 109 -3.28 13.78 12.61
N HIS A 110 -2.93 12.86 13.50
CA HIS A 110 -3.89 12.30 14.45
C HIS A 110 -4.37 13.31 15.47
N LYS A 111 -3.54 14.32 15.74
CA LYS A 111 -3.93 15.41 16.62
C LYS A 111 -5.02 16.32 16.00
N VAL A 112 -5.06 16.39 14.66
CA VAL A 112 -6.04 17.22 13.96
C VAL A 112 -7.31 16.38 13.62
N TYR A 113 -7.10 15.15 13.17
CA TYR A 113 -8.18 14.32 12.60
C TYR A 113 -8.58 13.13 13.43
N GLY A 114 -7.81 12.84 14.46
CA GLY A 114 -7.98 11.63 15.24
C GLY A 114 -7.08 10.52 14.77
N GLU A 115 -6.80 9.57 15.67
CA GLU A 115 -5.93 8.43 15.31
C GLU A 115 -6.56 7.57 14.28
N ASP A 116 -7.87 7.38 14.37
CA ASP A 116 -8.57 6.64 13.37
C ASP A 116 -8.41 7.18 11.94
N VAL A 117 -8.70 8.45 11.77
CA VAL A 117 -8.60 9.09 10.47
C VAL A 117 -7.14 9.10 10.01
N ALA A 118 -6.20 9.27 10.94
CA ALA A 118 -4.77 9.25 10.63
C ALA A 118 -4.33 7.90 10.05
N VAL A 119 -4.71 6.78 10.68
CA VAL A 119 -4.38 5.46 10.12
C VAL A 119 -4.95 5.28 8.72
N LEU A 120 -6.21 5.66 8.54
CA LEU A 120 -6.93 5.55 7.27
C LEU A 120 -6.30 6.43 6.24
N ALA A 121 -5.99 7.67 6.62
CA ALA A 121 -5.27 8.58 5.68
C ALA A 121 -3.92 7.99 5.22
N GLY A 122 -3.15 7.40 6.14
CA GLY A 122 -1.90 6.69 5.76
C GLY A 122 -2.20 5.52 4.84
N ASP A 123 -3.22 4.72 5.17
CA ASP A 123 -3.58 3.56 4.33
C ASP A 123 -3.93 3.99 2.89
N ALA A 124 -4.68 5.07 2.76
CA ALA A 124 -5.14 5.55 1.47
C ALA A 124 -4.01 6.19 0.71
N LEU A 125 -3.07 6.83 1.41
CA LEU A 125 -1.88 7.35 0.72
C LEU A 125 -0.95 6.23 0.23
N LEU A 126 -0.80 5.14 1.01
CA LEU A 126 0.01 3.96 0.58
C LEU A 126 -0.58 3.31 -0.67
N SER A 127 -1.87 3.03 -0.63
CA SER A 127 -2.52 2.40 -1.76
C SER A 127 -2.55 3.30 -2.97
N PHE A 128 -2.79 4.60 -2.77
CA PHE A 128 -2.90 5.49 -3.90
C PHE A 128 -1.57 5.72 -4.57
N ALA A 129 -0.52 5.65 -3.79
CA ALA A 129 0.82 5.63 -4.36
C ALA A 129 0.93 4.59 -5.47
N PHE A 130 0.48 3.36 -5.20
CA PHE A 130 0.54 2.34 -6.20
C PHE A 130 -0.46 2.57 -7.34
N GLU A 131 -1.62 3.10 -7.05
CA GLU A 131 -2.63 3.34 -8.05
C GLU A 131 -2.11 4.34 -9.03
N HIS A 132 -1.47 5.35 -8.48
CA HIS A 132 -0.98 6.48 -9.27
C HIS A 132 0.21 6.08 -10.14
N LEU A 133 1.12 5.29 -9.57
CA LEU A 133 2.31 4.84 -10.31
C LEU A 133 1.88 3.97 -11.48
N ALA A 134 0.96 3.06 -11.19
CA ALA A 134 0.44 2.17 -12.21
C ALA A 134 -0.40 2.89 -13.26
N SER A 135 -1.27 3.81 -12.85
CA SER A 135 -2.27 4.36 -13.76
C SER A 135 -1.87 5.62 -14.47
N ALA A 136 -1.03 6.42 -13.82
CA ALA A 136 -0.69 7.72 -14.37
C ALA A 136 0.63 7.75 -15.13
N THR A 137 1.44 6.71 -15.00
CA THR A 137 2.71 6.70 -15.73
C THR A 137 2.47 6.59 -17.24
N SER A 138 3.10 7.47 -18.02
CA SER A 138 3.01 7.51 -19.48
C SER A 138 3.11 6.14 -20.16
N SER A 139 2.30 5.94 -21.20
CA SER A 139 2.33 4.70 -21.94
C SER A 139 3.62 4.54 -22.80
N GLU A 140 4.46 5.57 -22.86
CA GLU A 140 5.77 5.45 -23.51
C GLU A 140 6.71 4.53 -22.70
N VAL A 141 6.46 4.42 -21.40
CA VAL A 141 7.29 3.58 -20.53
C VAL A 141 6.79 2.17 -20.74
N SER A 142 7.69 1.22 -20.92
CA SER A 142 7.22 -0.13 -21.13
C SER A 142 6.60 -0.66 -19.87
N PRO A 143 5.46 -1.35 -20.02
CA PRO A 143 4.76 -1.87 -18.87
C PRO A 143 5.68 -2.78 -18.05
N ALA A 144 6.60 -3.52 -18.67
CA ALA A 144 7.56 -4.34 -17.90
C ALA A 144 8.33 -3.48 -16.90
N ARG A 145 8.62 -2.24 -17.28
CA ARG A 145 9.35 -1.30 -16.43
C ARG A 145 8.51 -0.82 -15.30
N VAL A 146 7.21 -0.60 -15.57
CA VAL A 146 6.30 -0.16 -14.53
C VAL A 146 6.08 -1.31 -13.51
N VAL A 147 5.93 -2.54 -14.00
CA VAL A 147 5.83 -3.71 -13.10
C VAL A 147 7.07 -3.76 -12.17
N ARG A 148 8.26 -3.62 -12.75
CA ARG A 148 9.48 -3.62 -11.96
C ARG A 148 9.47 -2.50 -10.91
N ALA A 149 9.05 -1.30 -11.31
CA ALA A 149 8.90 -0.17 -10.42
C ALA A 149 7.99 -0.50 -9.25
N VAL A 150 6.85 -1.12 -9.54
CA VAL A 150 5.91 -1.47 -8.50
C VAL A 150 6.61 -2.39 -7.53
N GLY A 151 7.34 -3.38 -8.05
CA GLY A 151 7.93 -4.38 -7.20
C GLY A 151 9.06 -3.83 -6.35
N GLU A 152 9.87 -2.98 -6.93
CA GLU A 152 10.96 -2.33 -6.22
C GLU A 152 10.41 -1.45 -5.11
N LEU A 153 9.38 -0.66 -5.41
CA LEU A 153 8.78 0.19 -4.43
C LEU A 153 8.20 -0.60 -3.24
N ALA A 154 7.41 -1.62 -3.51
CA ALA A 154 6.84 -2.43 -2.43
C ALA A 154 7.92 -3.10 -1.58
N LYS A 155 8.98 -3.59 -2.22
CA LYS A 155 10.05 -4.31 -1.54
C LYS A 155 10.82 -3.36 -0.66
N ALA A 156 11.09 -2.17 -1.20
CA ALA A 156 11.87 -1.21 -0.48
C ALA A 156 11.15 -0.89 0.83
N ILE A 157 9.80 -0.91 0.85
CA ILE A 157 8.99 -0.49 2.01
C ILE A 157 8.43 -1.50 3.02
N GLY A 158 8.49 -2.78 2.68
CA GLY A 158 7.98 -3.79 3.57
C GLY A 158 9.05 -4.31 4.50
N THR A 159 8.96 -5.59 4.84
CA THR A 159 9.65 -6.18 5.97
C THR A 159 11.15 -6.36 5.72
N GLU A 160 11.60 -6.27 4.48
CA GLU A 160 13.01 -6.43 4.17
C GLU A 160 13.64 -5.06 4.22
N GLY A 161 12.79 -4.04 4.10
CA GLY A 161 13.22 -2.70 3.93
C GLY A 161 12.77 -1.81 5.07
N LEU A 162 11.95 -0.84 4.74
CA LEU A 162 11.53 0.12 5.76
C LEU A 162 10.94 -0.43 7.06
N VAL A 163 9.96 -1.31 6.95
CA VAL A 163 9.27 -1.83 8.13
C VAL A 163 10.27 -2.56 9.02
N ALA A 164 11.25 -3.24 8.44
CA ALA A 164 12.30 -3.83 9.21
C ALA A 164 13.00 -2.76 10.08
N GLY A 165 13.26 -1.60 9.50
CA GLY A 165 13.92 -0.54 10.26
C GLY A 165 13.05 -0.09 11.43
N GLN A 166 11.75 0.05 11.19
CA GLN A 166 10.81 0.49 12.23
C GLN A 166 10.67 -0.51 13.39
N VAL A 167 10.61 -1.79 13.07
CA VAL A 167 10.52 -2.86 14.12
C VAL A 167 11.84 -2.97 14.92
N VAL A 168 12.96 -2.68 14.29
CA VAL A 168 14.26 -2.66 14.98
C VAL A 168 14.46 -1.39 15.81
N ASP A 169 13.84 -0.29 15.39
CA ASP A 169 14.09 1.00 16.03
C ASP A 169 13.37 1.11 17.38
N ILE A 170 13.85 0.39 18.39
CA ILE A 170 13.21 0.34 19.74
C ILE A 170 14.09 0.73 20.93
N SER A 171 15.41 0.80 20.74
CA SER A 171 16.33 1.25 21.83
C SER A 171 16.60 0.21 22.92
N LEU A 175 20.93 -3.47 26.20
CA LEU A 175 21.88 -3.76 25.12
C LEU A 175 23.30 -3.30 25.45
N ASP A 176 24.28 -4.14 25.08
CA ASP A 176 25.68 -3.70 25.09
C ASP A 176 25.95 -2.93 23.81
N LEU A 177 25.89 -1.61 23.92
CA LEU A 177 26.02 -0.72 22.79
C LEU A 177 27.43 -0.81 22.19
N ASN A 178 28.40 -1.24 23.00
CA ASN A 178 29.77 -1.38 22.51
C ASN A 178 29.98 -2.62 21.65
N ASN A 179 29.21 -3.67 21.89
CA ASN A 179 29.23 -4.83 21.00
C ASN A 179 28.31 -4.64 19.75
N VAL A 180 27.08 -4.16 19.95
CA VAL A 180 26.07 -4.18 18.87
C VAL A 180 25.56 -2.80 18.45
N GLY A 181 26.16 -1.73 18.95
CA GLY A 181 25.60 -0.38 18.75
C GLY A 181 25.73 0.16 17.34
N LEU A 182 26.91 0.02 16.76
CA LEU A 182 27.16 0.52 15.41
C LEU A 182 26.33 -0.24 14.40
N GLU A 183 26.31 -1.58 14.55
CA GLU A 183 25.56 -2.46 13.70
C GLU A 183 24.07 -2.06 13.70
N HIS A 184 23.48 -1.92 14.90
CA HIS A 184 22.11 -1.38 15.02
C HIS A 184 21.95 -0.01 14.39
N LEU A 185 22.91 0.90 14.62
CA LEU A 185 22.79 2.25 14.07
C LEU A 185 22.76 2.23 12.53
N LYS A 186 23.72 1.53 11.92
CA LYS A 186 23.72 1.42 10.46
C LYS A 186 22.44 0.72 9.98
N PHE A 187 22.04 -0.36 10.66
CA PHE A 187 20.82 -1.05 10.25
C PHE A 187 19.58 -0.09 10.17
N ILE A 188 19.35 0.63 11.25
CA ILE A 188 18.21 1.54 11.34
C ILE A 188 18.28 2.62 10.28
N HIS A 189 19.43 3.24 10.11
CA HIS A 189 19.53 4.28 9.08
C HIS A 189 19.37 3.75 7.63
N LEU A 190 20.00 2.62 7.31
CA LEU A 190 19.82 1.96 6.03
C LEU A 190 18.37 1.61 5.74
N HIS A 191 17.65 1.20 6.78
CA HIS A 191 16.27 0.79 6.62
C HIS A 191 15.26 1.91 6.67
N LYS A 192 15.42 2.85 7.59
CA LYS A 192 14.41 3.90 7.75
C LYS A 192 14.74 5.14 6.91
N THR A 193 15.97 5.24 6.42
CA THR A 193 16.33 6.38 5.53
C THR A 193 16.75 5.92 4.14
N ALA A 194 17.75 5.04 4.04
CA ALA A 194 18.31 4.71 2.72
C ALA A 194 17.27 3.96 1.88
N ALA A 195 16.48 3.07 2.47
CA ALA A 195 15.64 2.22 1.64
C ALA A 195 14.71 2.94 0.70
N LEU A 196 14.02 3.98 1.18
CA LEU A 196 13.05 4.69 0.35
C LEU A 196 13.78 5.67 -0.58
N LEU A 197 14.98 6.10 -0.18
CA LEU A 197 15.73 6.98 -1.10
C LEU A 197 16.26 6.11 -2.22
N GLU A 198 16.66 4.90 -1.88
CA GLU A 198 17.06 3.93 -2.92
C GLU A 198 15.92 3.65 -3.91
N ALA A 199 14.71 3.43 -3.41
CA ALA A 199 13.53 3.23 -4.25
C ALA A 199 13.25 4.44 -5.13
N SER A 200 13.39 5.66 -4.62
CA SER A 200 13.24 6.85 -5.45
C SER A 200 14.19 6.87 -6.64
N ALA A 201 15.48 6.65 -6.38
CA ALA A 201 16.52 6.67 -7.41
C ALA A 201 16.34 5.50 -8.37
N VAL A 202 16.01 4.34 -7.83
CA VAL A 202 15.84 3.16 -8.65
C VAL A 202 14.61 3.31 -9.56
N LEU A 203 13.54 3.88 -9.02
CA LEU A 203 12.32 4.06 -9.81
C LEU A 203 12.56 5.07 -10.95
N GLY A 204 13.27 6.14 -10.64
CA GLY A 204 13.68 7.12 -11.67
C GLY A 204 14.49 6.50 -12.79
N GLY A 205 15.49 5.72 -12.40
CA GLY A 205 16.35 5.02 -13.39
C GLY A 205 15.58 4.04 -14.25
N ILE A 206 14.75 3.22 -13.61
CA ILE A 206 13.86 2.29 -14.30
C ILE A 206 12.93 2.99 -15.31
N ILE A 207 12.21 3.98 -14.84
CA ILE A 207 11.19 4.63 -15.60
C ILE A 207 11.78 5.47 -16.73
N GLY A 208 12.99 6.01 -16.50
CA GLY A 208 13.71 6.81 -17.49
C GLY A 208 14.46 6.01 -18.54
N GLY A 209 14.45 4.69 -18.47
CA GLY A 209 15.08 3.90 -19.53
C GLY A 209 16.50 3.48 -19.24
N GLY A 210 16.91 3.59 -17.99
CA GLY A 210 18.22 3.18 -17.58
C GLY A 210 18.50 1.70 -17.73
N SER A 211 19.78 1.39 -17.97
CA SER A 211 20.25 0.00 -17.96
C SER A 211 20.23 -0.54 -16.56
N ASP A 212 20.29 -1.88 -16.44
CA ASP A 212 20.40 -2.54 -15.14
C ASP A 212 21.70 -2.07 -14.40
N GLU A 213 22.80 -1.92 -15.12
CA GLU A 213 24.00 -1.36 -14.49
C GLU A 213 23.74 0.05 -13.93
N GLU A 214 23.11 0.88 -14.74
CA GLU A 214 22.85 2.27 -14.33
C GLU A 214 21.97 2.33 -13.08
N ILE A 215 20.98 1.46 -13.05
CA ILE A 215 20.04 1.35 -11.94
C ILE A 215 20.76 0.96 -10.65
N GLU A 216 21.69 0.01 -10.74
CA GLU A 216 22.45 -0.39 -9.57
C GLU A 216 23.40 0.73 -9.08
N ARG A 217 23.98 1.51 -9.99
CA ARG A 217 24.78 2.64 -9.55
C ARG A 217 23.92 3.68 -8.83
N LEU A 218 22.71 3.93 -9.34
CA LEU A 218 21.76 4.86 -8.70
C LEU A 218 21.32 4.37 -7.30
N ARG A 219 21.10 3.04 -7.19
CA ARG A 219 20.73 2.37 -5.91
C ARG A 219 21.87 2.62 -4.91
N LYS A 220 23.11 2.38 -5.31
CA LYS A 220 24.25 2.58 -4.41
C LYS A 220 24.52 4.07 -4.07
N PHE A 221 24.41 4.94 -5.03
CA PHE A 221 24.40 6.37 -4.77
C PHE A 221 23.41 6.74 -3.67
N ALA A 222 22.18 6.28 -3.80
CA ALA A 222 21.12 6.65 -2.90
C ALA A 222 21.40 6.11 -1.48
N ARG A 223 21.93 4.90 -1.40
CA ARG A 223 22.32 4.31 -0.11
C ARG A 223 23.36 5.18 0.58
N CYS A 224 24.40 5.51 -0.17
CA CYS A 224 25.47 6.39 0.33
C CYS A 224 24.95 7.75 0.79
N ILE A 225 24.06 8.41 0.05
CA ILE A 225 23.62 9.73 0.48
C ILE A 225 22.60 9.66 1.61
N GLY A 226 21.88 8.53 1.67
CA GLY A 226 21.02 8.23 2.80
C GLY A 226 21.77 8.11 4.12
N LEU A 227 22.83 7.32 4.16
CA LEU A 227 23.70 7.29 5.32
C LEU A 227 24.38 8.65 5.57
N LEU A 228 24.83 9.29 4.51
CA LEU A 228 25.49 10.58 4.66
C LEU A 228 24.64 11.64 5.37
N PHE A 229 23.35 11.69 5.03
CA PHE A 229 22.42 12.63 5.65
C PHE A 229 22.40 12.49 7.16
N GLN A 230 22.38 11.24 7.60
CA GLN A 230 22.25 11.00 9.03
C GLN A 230 23.59 11.24 9.75
N VAL A 231 24.70 10.93 9.10
CA VAL A 231 26.02 11.10 9.72
C VAL A 231 26.25 12.58 9.93
N VAL A 232 26.03 13.36 8.87
CA VAL A 232 26.16 14.80 8.95
C VAL A 232 25.20 15.38 9.98
N ASP A 233 23.96 14.95 10.00
CA ASP A 233 23.04 15.48 11.01
C ASP A 233 23.61 15.28 12.42
N ASP A 234 24.14 14.09 12.70
CA ASP A 234 24.74 13.79 14.03
C ASP A 234 25.96 14.66 14.37
N ILE A 235 26.81 14.93 13.38
CA ILE A 235 27.98 15.78 13.55
C ILE A 235 27.52 17.22 13.87
N LEU A 236 26.58 17.72 13.08
CA LEU A 236 25.98 19.05 13.32
C LEU A 236 25.39 19.18 14.72
N ASP A 237 24.74 18.11 15.19
CA ASP A 237 24.06 18.15 16.48
C ASP A 237 25.06 18.34 17.60
N VAL A 238 26.27 17.82 17.44
CA VAL A 238 27.31 17.95 18.48
C VAL A 238 28.21 19.16 18.28
N THR A 239 28.28 19.68 17.07
CA THR A 239 29.10 20.85 16.81
C THR A 239 28.25 22.15 16.88
N LYS A 240 26.95 22.01 17.14
CA LYS A 240 26.14 23.14 17.63
C LYS A 240 26.05 23.08 19.15
N LYS A 243 19.23 8.74 22.52
CA LYS A 243 19.67 8.68 21.12
C LYS A 243 21.10 8.10 21.01
N LEU A 244 21.30 7.20 20.03
CA LEU A 244 22.63 6.68 19.67
C LEU A 244 23.10 7.27 18.34
N THR A 245 24.38 7.65 18.30
CA THR A 245 24.84 8.56 17.26
C THR A 245 26.20 8.16 16.78
N TYR A 246 26.56 8.65 15.60
CA TYR A 246 27.85 8.34 15.07
C TYR A 246 28.99 8.90 15.96
N PRO A 247 28.91 10.19 16.37
CA PRO A 247 29.90 10.72 17.30
C PRO A 247 30.04 9.94 18.59
N LYS A 248 28.94 9.44 19.15
CA LYS A 248 29.02 8.64 20.36
C LYS A 248 29.74 7.31 20.15
N LEU A 249 29.54 6.69 18.99
CA LEU A 249 29.96 5.33 18.75
C LEU A 249 31.28 5.20 18.02
N MSE A 250 31.69 6.23 17.27
CA MSE A 250 33.02 6.20 16.61
C MSE A 250 33.84 7.47 16.86
O MSE A 250 34.94 7.60 16.33
CB MSE A 250 32.91 5.91 15.08
CG MSE A 250 32.26 6.92 14.20
SE MSE A 250 31.74 6.25 12.39
CE MSE A 250 30.51 4.85 12.99
N GLY A 251 33.31 8.37 17.68
CA GLY A 251 33.94 9.63 17.88
C GLY A 251 33.63 10.57 16.75
N LEU A 252 33.82 11.84 17.02
CA LEU A 252 33.54 12.87 16.05
C LEU A 252 34.48 12.88 14.82
N GLU A 253 35.77 12.72 15.04
CA GLU A 253 36.73 12.71 13.94
C GLU A 253 36.42 11.57 12.99
N LYS A 254 36.17 10.38 13.53
CA LYS A 254 35.93 9.23 12.67
C LYS A 254 34.59 9.39 11.97
N SER A 255 33.64 10.01 12.66
CA SER A 255 32.36 10.36 12.02
C SER A 255 32.60 11.26 10.82
N ARG A 256 33.49 12.22 10.95
CA ARG A 256 33.76 13.15 9.86
C ARG A 256 34.43 12.42 8.69
N GLU A 257 35.37 11.53 9.02
CA GLU A 257 36.06 10.73 8.02
C GLU A 257 35.07 9.82 7.31
N PHE A 258 34.17 9.18 8.05
CA PHE A 258 33.08 8.38 7.46
C PHE A 258 32.19 9.17 6.50
N ALA A 259 31.75 10.37 6.89
CA ALA A 259 30.93 11.21 6.01
C ALA A 259 31.73 11.55 4.76
N GLU A 260 33.02 11.86 4.91
CA GLU A 260 33.79 12.13 3.70
C GLU A 260 33.92 10.91 2.78
N LYS A 261 34.06 9.73 3.36
CA LYS A 261 34.12 8.54 2.54
C LYS A 261 32.77 8.21 1.87
N LEU A 262 31.67 8.47 2.56
CA LEU A 262 30.34 8.30 1.95
C LEU A 262 30.13 9.26 0.78
N ASN A 263 30.64 10.50 0.93
CA ASN A 263 30.53 11.52 -0.10
C ASN A 263 31.32 11.06 -1.33
N THR A 264 32.53 10.57 -1.11
CA THR A 264 33.40 10.07 -2.19
C THR A 264 32.75 8.90 -2.88
N GLU A 265 32.30 7.92 -2.10
CA GLU A 265 31.64 6.76 -2.67
C GLU A 265 30.39 7.11 -3.48
N ALA A 266 29.55 8.04 -2.98
CA ALA A 266 28.38 8.46 -3.70
C ALA A 266 28.83 9.06 -5.01
N ARG A 267 29.86 9.90 -5.00
CA ARG A 267 30.32 10.49 -6.24
C ARG A 267 30.84 9.43 -7.22
N ASP A 268 31.54 8.44 -6.70
CA ASP A 268 32.16 7.44 -7.54
C ASP A 268 31.09 6.65 -8.31
N GLN A 269 29.93 6.51 -7.72
CA GLN A 269 28.82 5.79 -8.38
C GLN A 269 28.34 6.47 -9.65
N LEU A 270 28.59 7.78 -9.77
CA LEU A 270 28.10 8.55 -10.89
C LEU A 270 29.15 8.68 -12.00
N LEU A 271 30.25 7.97 -11.82
CA LEU A 271 31.33 7.93 -12.80
C LEU A 271 30.84 7.09 -13.97
N GLY A 272 30.95 7.60 -15.17
CA GLY A 272 30.41 6.81 -16.28
C GLY A 272 29.10 7.30 -16.84
N PHE A 273 28.39 8.16 -16.12
CA PHE A 273 27.22 8.85 -16.66
C PHE A 273 27.62 10.09 -17.46
N ASP A 274 26.71 10.57 -18.32
CA ASP A 274 26.83 11.86 -19.06
C ASP A 274 27.30 13.04 -18.19
N SER A 275 28.40 13.69 -18.60
CA SER A 275 29.09 14.70 -17.78
C SER A 275 28.16 15.86 -17.34
N ASP A 276 27.36 16.38 -18.27
CA ASP A 276 26.43 17.47 -17.93
C ASP A 276 25.29 17.00 -17.06
N LYS A 277 24.68 15.88 -17.44
CA LYS A 277 23.49 15.34 -16.76
C LYS A 277 23.70 15.07 -15.27
N VAL A 278 24.93 14.74 -14.90
CA VAL A 278 25.26 14.25 -13.54
C VAL A 278 25.48 15.36 -12.50
N ALA A 279 25.53 16.63 -12.94
CA ALA A 279 25.84 17.72 -12.00
C ALA A 279 24.87 17.81 -10.79
N PRO A 280 23.54 17.77 -11.04
CA PRO A 280 22.56 17.97 -9.93
C PRO A 280 22.67 16.91 -8.85
N LEU A 281 23.02 15.71 -9.26
CA LEU A 281 23.26 14.66 -8.31
C LEU A 281 24.58 14.89 -7.60
N LEU A 282 25.64 15.26 -8.33
CA LEU A 282 26.93 15.54 -7.66
C LEU A 282 26.72 16.70 -6.68
N ALA A 283 26.02 17.73 -7.15
CA ALA A 283 25.68 18.89 -6.31
C ALA A 283 24.87 18.51 -5.07
N LEU A 284 24.00 17.50 -5.19
CA LEU A 284 23.17 17.07 -4.06
C LEU A 284 24.02 16.33 -3.04
N ALA A 285 24.95 15.49 -3.51
CA ALA A 285 25.85 14.75 -2.62
C ALA A 285 26.74 15.71 -1.82
N ASN A 286 27.39 16.62 -2.52
CA ASN A 286 28.28 17.55 -1.84
C ASN A 286 27.51 18.59 -1.00
N TYR A 287 26.25 18.90 -1.38
CA TYR A 287 25.37 19.74 -0.54
C TYR A 287 25.00 19.02 0.77
N ILE A 288 24.38 17.83 0.67
CA ILE A 288 24.07 17.03 1.85
C ILE A 288 25.33 16.93 2.74
N ALA A 289 26.49 16.68 2.11
CA ALA A 289 27.75 16.46 2.85
C ALA A 289 28.21 17.67 3.68
N ASN A 290 27.99 18.85 3.10
CA ASN A 290 28.53 20.10 3.68
C ASN A 290 27.51 21.06 4.30
N ARG A 291 26.30 20.54 4.56
CA ARG A 291 25.30 21.20 5.39
C ARG A 291 25.93 21.93 6.57
N GLN A 292 25.55 23.20 6.74
CA GLN A 292 26.02 24.02 7.84
C GLN A 292 24.97 24.16 8.95
N ASN A 293 23.70 24.00 8.58
CA ASN A 293 22.60 24.26 9.49
C ASN A 293 21.73 23.04 9.66
N ASP B 12 -21.23 -30.25 -6.00
CA ASP B 12 -19.73 -30.24 -6.10
C ASP B 12 -19.13 -28.99 -6.74
N PRO B 13 -19.96 -27.97 -7.08
CA PRO B 13 -19.27 -26.68 -7.25
C PRO B 13 -18.93 -26.14 -5.87
N ILE B 14 -19.67 -26.62 -4.86
CA ILE B 14 -19.29 -26.41 -3.47
C ILE B 14 -17.99 -27.14 -3.14
N SER B 15 -17.81 -28.33 -3.70
CA SER B 15 -16.53 -29.02 -3.59
C SER B 15 -15.43 -28.25 -4.32
N TYR B 16 -15.75 -27.65 -5.47
CA TYR B 16 -14.79 -26.73 -6.15
C TYR B 16 -14.28 -25.66 -5.18
N ILE B 17 -15.23 -24.95 -4.59
CA ILE B 17 -14.91 -23.90 -3.64
C ILE B 17 -14.01 -24.33 -2.47
N ILE B 18 -14.36 -25.41 -1.80
CA ILE B 18 -13.56 -25.89 -0.68
C ILE B 18 -12.16 -26.22 -1.11
N ARG B 19 -12.01 -26.82 -2.28
CA ARG B 19 -10.70 -27.20 -2.76
C ARG B 19 -9.91 -25.95 -3.04
N LYS B 20 -10.50 -24.96 -3.73
CA LYS B 20 -9.75 -23.76 -4.02
C LYS B 20 -9.31 -23.08 -2.73
N ALA B 21 -10.18 -23.09 -1.70
CA ALA B 21 -9.91 -22.42 -0.43
C ALA B 21 -8.70 -23.11 0.20
N ASP B 22 -8.68 -24.44 0.18
CA ASP B 22 -7.54 -25.19 0.69
C ASP B 22 -6.24 -24.90 -0.03
N SER B 23 -6.29 -24.71 -1.36
CA SER B 23 -5.11 -24.35 -2.15
C SER B 23 -4.65 -22.91 -1.83
N VAL B 24 -5.61 -22.03 -1.58
CA VAL B 24 -5.27 -20.65 -1.16
C VAL B 24 -4.54 -20.67 0.21
N ASN B 25 -5.01 -21.46 1.17
CA ASN B 25 -4.36 -21.56 2.46
C ASN B 25 -2.90 -21.96 2.36
N LYS B 26 -2.60 -22.94 1.51
CA LYS B 26 -1.24 -23.38 1.33
C LYS B 26 -0.43 -22.31 0.70
N ALA B 27 -1.00 -21.67 -0.34
CA ALA B 27 -0.32 -20.63 -1.08
C ALA B 27 0.05 -19.45 -0.21
N LEU B 28 -0.88 -19.04 0.63
CA LEU B 28 -0.62 -17.97 1.60
C LEU B 28 0.51 -18.32 2.60
N ASP B 29 0.47 -19.53 3.15
CA ASP B 29 1.50 -20.07 4.04
C ASP B 29 2.89 -19.95 3.36
N SER B 30 2.96 -20.35 2.09
CA SER B 30 4.20 -20.28 1.34
C SER B 30 4.59 -18.86 0.97
N ALA B 31 3.63 -18.00 0.66
CA ALA B 31 3.93 -16.61 0.16
C ALA B 31 4.49 -15.72 1.27
N VAL B 32 4.02 -15.96 2.49
CA VAL B 32 4.41 -15.16 3.65
C VAL B 32 4.97 -16.11 4.74
N PRO B 33 6.17 -16.65 4.49
CA PRO B 33 6.75 -17.58 5.46
C PRO B 33 7.29 -16.91 6.71
N LEU B 34 7.47 -17.70 7.74
CA LEU B 34 8.14 -17.24 8.91
C LEU B 34 9.64 -17.09 8.56
N ARG B 35 10.10 -15.85 8.64
CA ARG B 35 11.48 -15.49 8.44
C ARG B 35 11.72 -14.15 9.07
N GLU B 36 12.96 -13.67 8.99
CA GLU B 36 13.31 -12.41 9.60
C GLU B 36 12.70 -11.21 8.87
N PRO B 37 12.27 -10.17 9.61
CA PRO B 37 12.15 -10.10 11.08
C PRO B 37 11.02 -10.99 11.63
N LEU B 38 11.35 -11.81 12.62
CA LEU B 38 10.46 -12.93 12.99
C LEU B 38 9.12 -12.50 13.54
N LYS B 39 9.12 -11.53 14.45
CA LYS B 39 7.89 -11.16 15.15
C LYS B 39 6.85 -10.53 14.24
N ILE B 40 7.25 -9.60 13.40
CA ILE B 40 6.33 -9.06 12.41
C ILE B 40 5.79 -10.13 11.44
N HIS B 41 6.61 -11.06 10.99
CA HIS B 41 6.09 -12.16 10.19
C HIS B 41 5.15 -13.05 10.95
N GLU B 42 5.42 -13.38 12.21
CA GLU B 42 4.44 -14.08 13.05
C GLU B 42 3.08 -13.36 13.15
N ALA B 43 3.11 -12.06 13.38
CA ALA B 43 1.91 -11.22 13.49
C ALA B 43 1.15 -11.19 12.13
N MSE B 44 1.87 -11.08 11.00
CA MSE B 44 1.22 -11.14 9.69
C MSE B 44 0.56 -12.51 9.47
O MSE B 44 -0.61 -12.57 9.10
CB MSE B 44 2.27 -10.84 8.58
CG MSE B 44 2.79 -9.44 8.63
SE MSE B 44 4.42 -9.35 7.55
CE MSE B 44 3.59 -9.38 5.75
N ARG B 45 1.27 -13.60 9.77
CA ARG B 45 0.75 -14.93 9.62
C ARG B 45 -0.41 -15.21 10.59
N TYR B 46 -0.37 -14.61 11.78
CA TYR B 46 -1.40 -14.88 12.78
C TYR B 46 -2.77 -14.50 12.22
N SER B 47 -2.84 -13.37 11.54
CA SER B 47 -4.08 -12.93 10.90
C SER B 47 -4.30 -13.52 9.49
N LEU B 48 -3.24 -13.66 8.69
CA LEU B 48 -3.39 -14.18 7.34
C LEU B 48 -3.82 -15.64 7.31
N LEU B 49 -3.23 -16.41 8.20
CA LEU B 49 -3.44 -17.85 8.18
C LEU B 49 -4.52 -18.29 9.15
N ALA B 50 -5.40 -17.37 9.52
CA ALA B 50 -6.49 -17.67 10.43
C ALA B 50 -7.59 -18.49 9.77
N GLY B 51 -7.55 -18.62 8.45
CA GLY B 51 -8.43 -19.57 7.76
C GLY B 51 -9.84 -19.01 7.62
N GLY B 52 -10.04 -18.01 6.81
CA GLY B 52 -11.45 -17.69 6.48
C GLY B 52 -12.20 -18.68 5.57
N LYS B 53 -13.30 -18.19 5.01
CA LYS B 53 -13.96 -18.87 3.89
C LYS B 53 -13.16 -18.62 2.60
N ARG B 54 -12.27 -17.66 2.68
CA ARG B 54 -11.42 -17.29 1.53
C ARG B 54 -12.21 -16.93 0.25
N VAL B 55 -13.33 -16.26 0.42
CA VAL B 55 -14.22 -15.99 -0.70
C VAL B 55 -13.52 -15.09 -1.76
N ARG B 56 -12.74 -14.13 -1.28
CA ARG B 56 -12.11 -13.20 -2.21
C ARG B 56 -11.08 -13.87 -3.14
N PRO B 57 -10.09 -14.57 -2.56
CA PRO B 57 -9.15 -15.25 -3.45
C PRO B 57 -9.76 -16.38 -4.30
N VAL B 58 -10.74 -17.10 -3.77
CA VAL B 58 -11.45 -18.08 -4.54
C VAL B 58 -12.22 -17.42 -5.68
N LEU B 59 -12.84 -16.29 -5.43
CA LEU B 59 -13.47 -15.55 -6.50
C LEU B 59 -12.45 -15.17 -7.56
N CYS B 60 -11.25 -14.77 -7.14
CA CYS B 60 -10.22 -14.39 -8.07
C CYS B 60 -9.85 -15.55 -9.01
N ILE B 61 -9.63 -16.72 -8.41
CA ILE B 61 -9.25 -17.91 -9.15
C ILE B 61 -10.39 -18.26 -10.09
N ALA B 62 -11.63 -18.28 -9.57
CA ALA B 62 -12.81 -18.66 -10.37
C ALA B 62 -13.04 -17.75 -11.56
N ALA B 63 -12.80 -16.44 -11.40
CA ALA B 63 -12.88 -15.45 -12.48
C ALA B 63 -11.83 -15.67 -13.52
N CYS B 64 -10.61 -15.91 -13.06
CA CYS B 64 -9.52 -16.25 -13.95
C CYS B 64 -9.89 -17.48 -14.82
N GLU B 65 -10.35 -18.55 -14.18
CA GLU B 65 -10.75 -19.70 -14.94
C GLU B 65 -11.95 -19.43 -15.88
N LEU B 66 -12.89 -18.60 -15.46
CA LEU B 66 -14.06 -18.28 -16.27
C LEU B 66 -13.67 -17.77 -17.65
N VAL B 67 -12.58 -17.00 -17.70
CA VAL B 67 -12.19 -16.32 -18.90
C VAL B 67 -11.13 -17.12 -19.70
N GLY B 68 -10.84 -18.32 -19.20
CA GLY B 68 -9.96 -19.28 -19.90
C GLY B 68 -8.58 -19.38 -19.29
N GLY B 69 -8.37 -18.75 -18.15
CA GLY B 69 -7.05 -18.73 -17.52
C GLY B 69 -6.85 -19.91 -16.58
N GLU B 70 -5.62 -20.25 -16.31
CA GLU B 70 -5.35 -21.35 -15.41
C GLU B 70 -5.18 -20.76 -14.02
N GLU B 71 -5.56 -21.52 -12.99
CA GLU B 71 -5.49 -21.10 -11.59
C GLU B 71 -4.11 -20.55 -11.25
N SER B 72 -3.07 -21.25 -11.65
CA SER B 72 -1.76 -20.87 -11.24
C SER B 72 -1.43 -19.43 -11.69
N LEU B 73 -2.01 -18.96 -12.80
CA LEU B 73 -1.74 -17.59 -13.26
C LEU B 73 -2.21 -16.57 -12.20
N ALA B 74 -3.36 -16.85 -11.62
CA ALA B 74 -4.00 -15.90 -10.73
C ALA B 74 -3.66 -16.10 -9.29
N MSE B 75 -2.87 -17.12 -8.94
CA MSE B 75 -2.71 -17.40 -7.52
C MSE B 75 -1.98 -16.24 -6.78
O MSE B 75 -2.34 -15.90 -5.67
CB MSE B 75 -2.02 -18.76 -7.30
CG MSE B 75 -1.91 -19.10 -5.85
SE MSE B 75 -3.61 -19.14 -4.84
CE MSE B 75 -3.92 -21.05 -5.13
N PRO B 76 -0.91 -15.67 -7.38
CA PRO B 76 -0.35 -14.43 -6.77
C PRO B 76 -1.39 -13.33 -6.50
N ALA B 77 -2.21 -12.95 -7.51
CA ALA B 77 -3.30 -11.99 -7.36
C ALA B 77 -4.30 -12.37 -6.28
N ALA B 78 -4.62 -13.66 -6.22
CA ALA B 78 -5.56 -14.13 -5.21
C ALA B 78 -5.03 -13.96 -3.80
N CYS B 79 -3.77 -14.41 -3.61
CA CYS B 79 -3.09 -14.21 -2.33
C CYS B 79 -3.00 -12.71 -1.97
N ALA B 80 -2.72 -11.85 -2.94
CA ALA B 80 -2.74 -10.40 -2.72
C ALA B 80 -4.07 -9.84 -2.21
N VAL B 81 -5.20 -10.25 -2.84
CA VAL B 81 -6.45 -9.65 -2.45
C VAL B 81 -6.70 -10.16 -1.05
N GLU B 82 -6.27 -11.37 -0.77
CA GLU B 82 -6.49 -11.90 0.60
C GLU B 82 -5.62 -11.20 1.70
N MSE B 83 -4.44 -10.79 1.31
CA MSE B 83 -3.54 -9.98 2.15
C MSE B 83 -4.17 -8.61 2.40
O MSE B 83 -4.17 -8.16 3.51
CB MSE B 83 -2.18 -9.83 1.49
CG MSE B 83 -1.34 -11.13 1.54
SE MSE B 83 0.29 -10.72 0.48
CE MSE B 83 0.79 -12.61 -0.06
N ILE B 84 -4.82 -8.03 1.38
CA ILE B 84 -5.49 -6.73 1.56
C ILE B 84 -6.67 -6.90 2.50
N HIS B 85 -7.45 -7.95 2.29
CA HIS B 85 -8.53 -8.25 3.17
C HIS B 85 -8.05 -8.42 4.65
N THR B 86 -6.99 -9.18 4.83
CA THR B 86 -6.36 -9.33 6.17
C THR B 86 -5.95 -8.01 6.81
N MSE B 87 -5.24 -7.17 6.06
CA MSE B 87 -4.86 -5.84 6.53
C MSE B 87 -6.05 -5.01 6.96
O MSE B 87 -6.02 -4.27 7.97
CB MSE B 87 -4.11 -5.18 5.33
CG MSE B 87 -3.78 -3.75 5.49
SE MSE B 87 -5.22 -2.51 5.00
CE MSE B 87 -5.61 -2.98 3.27
N SER B 88 -7.13 -5.10 6.21
CA SER B 88 -8.35 -4.29 6.57
C SER B 88 -8.94 -4.71 7.91
N LEU B 89 -8.90 -5.98 8.19
CA LEU B 89 -9.41 -6.50 9.46
C LEU B 89 -8.45 -6.12 10.60
N ILE B 90 -7.15 -6.25 10.37
CA ILE B 90 -6.14 -5.86 11.40
C ILE B 90 -6.38 -4.39 11.76
N HIS B 91 -6.44 -3.52 10.76
CA HIS B 91 -6.62 -2.12 11.03
C HIS B 91 -8.02 -1.78 11.58
N ASP B 92 -9.08 -2.42 11.09
CA ASP B 92 -10.42 -2.24 11.62
C ASP B 92 -10.53 -2.50 13.11
N ASP B 93 -9.84 -3.54 13.56
CA ASP B 93 -9.88 -4.04 14.92
C ASP B 93 -9.15 -3.16 15.93
N LEU B 94 -8.30 -2.24 15.45
CA LEU B 94 -7.48 -1.43 16.34
C LEU B 94 -8.34 -0.63 17.38
N PRO B 95 -7.79 -0.41 18.60
CA PRO B 95 -8.48 0.32 19.66
C PRO B 95 -8.96 1.70 19.19
N CYS B 96 -8.16 2.38 18.36
CA CYS B 96 -8.60 3.67 17.82
C CYS B 96 -9.76 3.53 16.81
N MSE B 97 -9.96 2.30 16.31
CA MSE B 97 -10.93 2.05 15.26
C MSE B 97 -12.18 1.33 15.79
O MSE B 97 -13.02 1.95 16.50
CB MSE B 97 -10.19 1.30 14.12
CG MSE B 97 -10.87 1.43 12.85
SE MSE B 97 -10.26 3.03 11.89
CE MSE B 97 -8.38 2.55 11.46
N ASP B 98 -12.37 0.06 15.48
CA ASP B 98 -13.55 -0.63 15.99
C ASP B 98 -13.33 -1.14 17.41
N ASN B 99 -12.07 -1.26 17.83
CA ASN B 99 -11.74 -1.65 19.21
C ASN B 99 -12.27 -3.04 19.56
N ASP B 100 -11.92 -4.01 18.72
CA ASP B 100 -12.37 -5.39 18.82
C ASP B 100 -11.28 -6.18 19.55
N ASP B 101 -11.63 -6.80 20.66
CA ASP B 101 -10.68 -7.68 21.37
C ASP B 101 -10.64 -9.11 20.78
N LEU B 102 -11.78 -9.53 20.21
CA LEU B 102 -11.94 -10.84 19.61
C LEU B 102 -12.46 -10.73 18.18
N ARG B 103 -12.01 -11.64 17.34
CA ARG B 103 -12.58 -11.82 16.02
C ARG B 103 -12.83 -13.30 15.84
N ARG B 104 -14.11 -13.65 15.73
CA ARG B 104 -14.55 -15.04 15.69
C ARG B 104 -14.02 -15.82 16.88
N GLY B 105 -14.10 -15.22 18.06
CA GLY B 105 -13.62 -15.83 19.30
C GLY B 105 -12.11 -16.11 19.42
N LYS B 106 -11.28 -15.45 18.60
CA LYS B 106 -9.83 -15.45 18.80
C LYS B 106 -9.41 -14.02 19.08
N PRO B 107 -8.42 -13.82 19.97
CA PRO B 107 -7.83 -12.50 20.11
C PRO B 107 -7.48 -11.89 18.80
N THR B 108 -7.74 -10.59 18.73
CA THR B 108 -7.32 -9.83 17.58
C THR B 108 -5.81 -9.54 17.58
N ASN B 109 -5.32 -9.12 16.42
CA ASN B 109 -3.89 -9.02 16.21
C ASN B 109 -3.22 -8.20 17.28
N HIS B 110 -3.74 -7.00 17.52
CA HIS B 110 -3.20 -6.06 18.50
C HIS B 110 -3.25 -6.55 19.92
N LYS B 111 -4.30 -7.30 20.25
CA LYS B 111 -4.39 -7.87 21.57
C LYS B 111 -3.27 -8.87 21.79
N VAL B 112 -2.81 -9.56 20.76
CA VAL B 112 -1.73 -10.56 20.93
C VAL B 112 -0.34 -9.89 20.80
N TYR B 113 -0.20 -8.98 19.83
CA TYR B 113 1.11 -8.44 19.41
C TYR B 113 1.35 -6.98 19.77
N GLY B 114 0.32 -6.28 20.20
CA GLY B 114 0.46 -4.84 20.46
C GLY B 114 -0.14 -4.06 19.34
N GLU B 115 -0.58 -2.84 19.65
CA GLU B 115 -1.09 -1.95 18.60
C GLU B 115 -0.07 -1.56 17.54
N ASP B 116 1.15 -1.25 17.97
CA ASP B 116 2.24 -0.93 17.05
C ASP B 116 2.50 -2.05 16.05
N VAL B 117 2.61 -3.30 16.51
CA VAL B 117 2.98 -4.41 15.66
C VAL B 117 1.80 -4.67 14.73
N ALA B 118 0.57 -4.53 15.24
CA ALA B 118 -0.64 -4.69 14.44
C ALA B 118 -0.72 -3.68 13.26
N VAL B 119 -0.53 -2.39 13.55
CA VAL B 119 -0.44 -1.39 12.47
C VAL B 119 0.58 -1.78 11.42
N LEU B 120 1.81 -2.04 11.84
CA LEU B 120 2.86 -2.38 10.89
C LEU B 120 2.62 -3.72 10.17
N ALA B 121 2.06 -4.72 10.86
CA ALA B 121 1.74 -5.99 10.17
C ALA B 121 0.72 -5.73 9.02
N GLY B 122 -0.22 -4.82 9.28
CA GLY B 122 -1.23 -4.41 8.30
C GLY B 122 -0.60 -3.67 7.15
N ASP B 123 0.30 -2.74 7.48
CA ASP B 123 1.01 -1.94 6.48
C ASP B 123 1.91 -2.90 5.61
N ALA B 124 2.57 -3.85 6.27
CA ALA B 124 3.39 -4.84 5.60
C ALA B 124 2.65 -5.79 4.65
N LEU B 125 1.47 -6.27 5.07
CA LEU B 125 0.62 -7.05 4.21
C LEU B 125 0.11 -6.26 3.02
N LEU B 126 -0.21 -4.98 3.23
CA LEU B 126 -0.62 -4.07 2.17
C LEU B 126 0.49 -3.95 1.12
N SER B 127 1.70 -3.63 1.57
CA SER B 127 2.80 -3.47 0.62
C SER B 127 3.20 -4.80 -0.03
N PHE B 128 3.17 -5.88 0.72
CA PHE B 128 3.56 -7.12 0.15
C PHE B 128 2.51 -7.66 -0.87
N ALA B 129 1.24 -7.23 -0.73
CA ALA B 129 0.20 -7.63 -1.69
C ALA B 129 0.64 -7.09 -3.04
N PHE B 130 1.07 -5.82 -3.09
CA PHE B 130 1.64 -5.31 -4.32
C PHE B 130 2.94 -5.95 -4.82
N GLU B 131 3.89 -6.19 -3.92
CA GLU B 131 5.12 -6.82 -4.29
C GLU B 131 4.87 -8.20 -4.87
N HIS B 132 4.03 -8.98 -4.21
CA HIS B 132 3.75 -10.34 -4.63
C HIS B 132 3.03 -10.37 -6.01
N LEU B 133 2.00 -9.54 -6.15
CA LEU B 133 1.26 -9.38 -7.39
C LEU B 133 2.22 -9.00 -8.52
N ALA B 134 3.09 -8.00 -8.30
CA ALA B 134 3.97 -7.55 -9.34
C ALA B 134 5.07 -8.53 -9.65
N SER B 135 5.67 -9.13 -8.62
CA SER B 135 6.87 -9.93 -8.78
C SER B 135 6.67 -11.44 -9.00
N ALA B 136 5.61 -12.01 -8.42
CA ALA B 136 5.34 -13.45 -8.45
C ALA B 136 4.41 -13.84 -9.61
N THR B 137 3.67 -12.89 -10.16
CA THR B 137 2.85 -13.21 -11.32
C THR B 137 3.72 -13.70 -12.52
N SER B 138 3.29 -14.80 -13.14
CA SER B 138 3.98 -15.41 -14.30
C SER B 138 4.30 -14.40 -15.39
N SER B 139 5.47 -14.56 -16.00
CA SER B 139 5.85 -13.76 -17.18
C SER B 139 4.97 -14.02 -18.40
N GLU B 140 4.15 -15.07 -18.33
CA GLU B 140 3.19 -15.32 -19.38
C GLU B 140 2.08 -14.30 -19.43
N VAL B 141 1.76 -13.68 -18.30
CA VAL B 141 0.77 -12.62 -18.27
C VAL B 141 1.40 -11.35 -18.82
N SER B 142 0.74 -10.71 -19.79
CA SER B 142 1.30 -9.50 -20.31
C SER B 142 1.56 -8.49 -19.21
N PRO B 143 2.73 -7.86 -19.26
CA PRO B 143 2.94 -6.88 -18.21
C PRO B 143 1.90 -5.78 -18.19
N ALA B 144 1.33 -5.40 -19.34
CA ALA B 144 0.23 -4.41 -19.33
C ALA B 144 -0.96 -4.84 -18.46
N ARG B 145 -1.25 -6.15 -18.40
CA ARG B 145 -2.33 -6.71 -17.57
C ARG B 145 -1.92 -6.63 -16.11
N VAL B 146 -0.66 -6.91 -15.82
CA VAL B 146 -0.21 -6.77 -14.43
C VAL B 146 -0.32 -5.34 -13.94
N VAL B 147 0.10 -4.38 -14.78
CA VAL B 147 0.01 -2.99 -14.42
C VAL B 147 -1.45 -2.66 -14.13
N ARG B 148 -2.37 -3.17 -14.95
CA ARG B 148 -3.79 -2.79 -14.83
C ARG B 148 -4.31 -3.40 -13.55
N ALA B 149 -3.87 -4.61 -13.26
CA ALA B 149 -4.26 -5.28 -12.01
C ALA B 149 -3.77 -4.53 -10.75
N VAL B 150 -2.52 -4.03 -10.78
CA VAL B 150 -2.01 -3.21 -9.70
C VAL B 150 -2.93 -2.03 -9.43
N GLY B 151 -3.30 -1.32 -10.52
CA GLY B 151 -4.18 -0.14 -10.44
C GLY B 151 -5.52 -0.48 -9.81
N GLU B 152 -6.09 -1.60 -10.23
CA GLU B 152 -7.41 -2.04 -9.74
C GLU B 152 -7.37 -2.46 -8.27
N LEU B 153 -6.35 -3.20 -7.90
CA LEU B 153 -6.19 -3.57 -6.51
C LEU B 153 -6.09 -2.31 -5.63
N ALA B 154 -5.29 -1.35 -6.04
CA ALA B 154 -5.03 -0.15 -5.27
C ALA B 154 -6.30 0.72 -5.21
N LYS B 155 -7.09 0.71 -6.29
CA LYS B 155 -8.41 1.38 -6.31
C LYS B 155 -9.34 0.86 -5.23
N ALA B 156 -9.32 -0.45 -5.04
CA ALA B 156 -10.15 -1.08 -4.01
C ALA B 156 -9.84 -0.79 -2.55
N ILE B 157 -8.66 -0.27 -2.27
CA ILE B 157 -8.22 -0.06 -0.91
C ILE B 157 -8.53 1.36 -0.45
N GLY B 158 -8.42 2.35 -1.32
CA GLY B 158 -8.38 3.73 -0.90
C GLY B 158 -9.73 4.43 -0.84
N THR B 159 -9.76 5.66 -1.32
CA THR B 159 -10.94 6.53 -1.13
C THR B 159 -12.08 6.16 -2.11
N GLU B 160 -11.84 5.18 -2.98
CA GLU B 160 -12.92 4.60 -3.78
C GLU B 160 -13.18 3.19 -3.34
N GLY B 161 -12.71 2.84 -2.15
CA GLY B 161 -12.86 1.48 -1.69
C GLY B 161 -12.81 1.39 -0.19
N LEU B 162 -12.00 0.47 0.34
CA LEU B 162 -12.07 0.11 1.77
C LEU B 162 -11.99 1.29 2.72
N VAL B 163 -11.01 2.16 2.47
CA VAL B 163 -10.80 3.34 3.36
C VAL B 163 -12.02 4.26 3.32
N ALA B 164 -12.58 4.57 2.15
CA ALA B 164 -13.81 5.35 2.10
C ALA B 164 -14.92 4.70 2.90
N GLY B 165 -15.04 3.39 2.78
CA GLY B 165 -16.02 2.65 3.55
C GLY B 165 -15.85 2.84 5.02
N GLN B 166 -14.63 2.69 5.48
CA GLN B 166 -14.38 2.78 6.90
C GLN B 166 -14.57 4.17 7.46
N VAL B 167 -14.03 5.18 6.78
CA VAL B 167 -14.13 6.54 7.28
C VAL B 167 -15.59 7.02 7.39
N VAL B 168 -16.43 6.64 6.43
CA VAL B 168 -17.81 7.01 6.50
C VAL B 168 -18.47 6.22 7.64
N ASP B 169 -18.14 4.95 7.78
CA ASP B 169 -18.71 4.12 8.83
C ASP B 169 -18.40 4.72 10.22
N ILE B 170 -17.13 5.07 10.47
CA ILE B 170 -16.73 5.53 11.79
C ILE B 170 -17.08 6.98 12.15
N SER B 171 -17.67 7.75 11.23
CA SER B 171 -17.93 9.17 11.48
C SER B 171 -19.29 9.41 12.20
N SER B 172 -19.45 10.60 12.77
CA SER B 172 -20.71 11.02 13.46
C SER B 172 -21.00 12.52 13.17
N GLU B 173 -20.84 12.88 11.88
CA GLU B 173 -21.14 14.23 11.40
C GLU B 173 -22.62 14.23 10.97
N GLY B 174 -23.10 13.14 10.34
CA GLY B 174 -24.50 13.06 9.86
C GLY B 174 -24.78 13.77 8.55
N LEU B 175 -23.72 14.10 7.81
CA LEU B 175 -23.82 14.92 6.58
C LEU B 175 -24.47 14.19 5.36
N ASP B 176 -24.53 12.87 5.42
CA ASP B 176 -25.13 12.05 4.34
C ASP B 176 -26.52 11.52 4.70
N LEU B 177 -27.14 12.10 5.72
CA LEU B 177 -28.46 11.63 6.21
C LEU B 177 -29.62 12.47 5.66
N ASN B 178 -29.63 12.61 4.33
CA ASN B 178 -30.71 13.33 3.62
C ASN B 178 -31.95 12.43 3.51
N ASN B 179 -31.71 11.13 3.57
CA ASN B 179 -32.77 10.15 3.74
C ASN B 179 -32.85 9.75 5.23
N VAL B 180 -33.26 8.52 5.56
CA VAL B 180 -33.26 8.11 6.96
C VAL B 180 -32.16 7.06 7.22
N GLY B 181 -31.23 6.96 6.27
CA GLY B 181 -30.00 6.20 6.47
C GLY B 181 -29.60 5.26 5.36
N LEU B 182 -30.46 5.04 4.35
CA LEU B 182 -30.16 4.04 3.28
C LEU B 182 -28.94 4.34 2.42
N GLU B 183 -28.75 5.60 2.03
CA GLU B 183 -27.59 5.92 1.17
C GLU B 183 -26.28 5.76 1.98
N HIS B 184 -26.31 6.13 3.27
CA HIS B 184 -25.18 5.92 4.18
C HIS B 184 -24.85 4.44 4.25
N LEU B 185 -25.85 3.62 4.53
CA LEU B 185 -25.64 2.15 4.64
C LEU B 185 -25.08 1.57 3.32
N LYS B 186 -25.68 1.90 2.18
CA LYS B 186 -25.25 1.32 0.93
C LYS B 186 -23.88 1.79 0.61
N PHE B 187 -23.59 3.05 0.86
CA PHE B 187 -22.25 3.55 0.62
C PHE B 187 -21.22 2.72 1.35
N ILE B 188 -21.46 2.52 2.65
CA ILE B 188 -20.56 1.74 3.49
C ILE B 188 -20.39 0.33 2.93
N HIS B 189 -21.48 -0.31 2.59
CA HIS B 189 -21.36 -1.70 2.14
C HIS B 189 -20.70 -1.81 0.77
N LEU B 190 -20.95 -0.87 -0.11
CA LEU B 190 -20.32 -0.95 -1.42
C LEU B 190 -18.82 -0.77 -1.29
N HIS B 191 -18.43 0.12 -0.39
CA HIS B 191 -17.02 0.41 -0.19
C HIS B 191 -16.28 -0.52 0.72
N LYS B 192 -16.91 -0.92 1.83
CA LYS B 192 -16.24 -1.87 2.73
C LYS B 192 -16.30 -3.32 2.27
N THR B 193 -17.32 -3.72 1.51
CA THR B 193 -17.43 -5.08 1.03
C THR B 193 -17.32 -5.23 -0.44
N ALA B 194 -18.12 -4.50 -1.21
CA ALA B 194 -18.15 -4.74 -2.65
C ALA B 194 -16.83 -4.43 -3.36
N ALA B 195 -16.18 -3.32 -3.02
CA ALA B 195 -15.01 -2.85 -3.76
C ALA B 195 -13.92 -3.93 -3.88
N LEU B 196 -13.60 -4.57 -2.77
CA LEU B 196 -12.55 -5.57 -2.80
C LEU B 196 -13.00 -6.88 -3.44
N LEU B 197 -14.29 -7.23 -3.34
CA LEU B 197 -14.82 -8.34 -4.14
C LEU B 197 -14.75 -8.04 -5.61
N GLU B 198 -15.13 -6.83 -5.99
CA GLU B 198 -14.91 -6.36 -7.40
C GLU B 198 -13.47 -6.46 -7.86
N ALA B 199 -12.53 -6.03 -7.01
CA ALA B 199 -11.11 -6.10 -7.36
C ALA B 199 -10.75 -7.56 -7.51
N SER B 200 -11.24 -8.43 -6.66
CA SER B 200 -10.92 -9.82 -6.75
C SER B 200 -11.35 -10.45 -8.07
N ALA B 201 -12.59 -10.18 -8.46
CA ALA B 201 -13.13 -10.66 -9.71
C ALA B 201 -12.48 -10.04 -10.93
N VAL B 202 -12.32 -8.73 -10.90
CA VAL B 202 -11.59 -8.01 -11.96
C VAL B 202 -10.16 -8.52 -12.13
N LEU B 203 -9.44 -8.67 -11.05
CA LEU B 203 -8.06 -9.17 -11.15
C LEU B 203 -8.01 -10.57 -11.79
N GLY B 204 -8.96 -11.44 -11.43
CA GLY B 204 -9.01 -12.77 -12.08
C GLY B 204 -9.24 -12.62 -13.58
N GLY B 205 -10.20 -11.79 -13.94
CA GLY B 205 -10.53 -11.48 -15.32
C GLY B 205 -9.39 -10.89 -16.13
N ILE B 206 -8.68 -9.91 -15.57
CA ILE B 206 -7.49 -9.32 -16.21
C ILE B 206 -6.39 -10.35 -16.39
N ILE B 207 -6.03 -11.03 -15.33
CA ILE B 207 -4.87 -11.93 -15.31
C ILE B 207 -5.12 -13.19 -16.17
N GLY B 208 -6.35 -13.71 -16.16
CA GLY B 208 -6.73 -14.83 -17.01
C GLY B 208 -6.87 -14.57 -18.50
N GLY B 209 -6.75 -13.32 -18.97
CA GLY B 209 -6.79 -13.02 -20.39
C GLY B 209 -8.14 -12.56 -20.89
N GLY B 210 -9.02 -12.15 -19.99
CA GLY B 210 -10.35 -11.68 -20.32
C GLY B 210 -10.39 -10.39 -21.13
N SER B 211 -11.44 -10.25 -21.93
CA SER B 211 -11.72 -9.03 -22.67
C SER B 211 -12.19 -7.98 -21.70
N ASP B 212 -12.17 -6.73 -22.13
CA ASP B 212 -12.71 -5.71 -21.25
C ASP B 212 -14.17 -5.98 -20.91
N GLU B 213 -14.95 -6.40 -21.89
CA GLU B 213 -16.34 -6.68 -21.67
C GLU B 213 -16.58 -7.70 -20.56
N GLU B 214 -15.84 -8.80 -20.64
CA GLU B 214 -15.84 -9.85 -19.62
C GLU B 214 -15.46 -9.36 -18.21
N ILE B 215 -14.45 -8.50 -18.16
CA ILE B 215 -13.96 -7.95 -16.91
C ILE B 215 -15.05 -7.08 -16.31
N GLU B 216 -15.76 -6.30 -17.15
CA GLU B 216 -16.87 -5.49 -16.63
C GLU B 216 -18.04 -6.34 -16.10
N ARG B 217 -18.35 -7.47 -16.74
CA ARG B 217 -19.36 -8.41 -16.25
C ARG B 217 -19.00 -8.92 -14.87
N LEU B 218 -17.74 -9.34 -14.73
CA LEU B 218 -17.18 -9.79 -13.45
C LEU B 218 -17.27 -8.71 -12.36
N ARG B 219 -16.97 -7.46 -12.71
CA ARG B 219 -17.04 -6.37 -11.75
C ARG B 219 -18.47 -6.21 -11.26
N LYS B 220 -19.43 -6.15 -12.20
CA LYS B 220 -20.84 -5.99 -11.84
C LYS B 220 -21.33 -7.19 -11.08
N PHE B 221 -20.91 -8.39 -11.46
CA PHE B 221 -21.32 -9.58 -10.71
C PHE B 221 -20.86 -9.49 -9.26
N ALA B 222 -19.62 -9.12 -9.05
CA ALA B 222 -19.07 -9.01 -7.74
C ALA B 222 -19.71 -7.90 -6.92
N ARG B 223 -19.99 -6.77 -7.55
CA ARG B 223 -20.71 -5.68 -6.91
C ARG B 223 -22.02 -6.17 -6.37
N CYS B 224 -22.77 -6.90 -7.18
CA CYS B 224 -24.13 -7.39 -6.79
C CYS B 224 -24.04 -8.38 -5.63
N ILE B 225 -23.13 -9.31 -5.71
CA ILE B 225 -22.96 -10.24 -4.61
C ILE B 225 -22.39 -9.62 -3.34
N GLY B 226 -21.52 -8.58 -3.45
CA GLY B 226 -21.00 -7.95 -2.26
C GLY B 226 -22.15 -7.26 -1.52
N LEU B 227 -22.99 -6.55 -2.26
CA LEU B 227 -24.12 -5.87 -1.63
C LEU B 227 -25.15 -6.91 -1.11
N LEU B 228 -25.36 -7.99 -1.87
CA LEU B 228 -26.27 -9.07 -1.50
C LEU B 228 -25.91 -9.68 -0.16
N PHE B 229 -24.60 -9.88 0.08
CA PHE B 229 -24.14 -10.48 1.34
C PHE B 229 -24.72 -9.71 2.54
N GLN B 230 -24.56 -8.41 2.47
CA GLN B 230 -24.92 -7.54 3.56
C GLN B 230 -26.47 -7.43 3.74
N VAL B 231 -27.22 -7.45 2.64
CA VAL B 231 -28.68 -7.46 2.73
C VAL B 231 -29.17 -8.74 3.38
N VAL B 232 -28.70 -9.87 2.89
CA VAL B 232 -29.08 -11.17 3.43
C VAL B 232 -28.66 -11.33 4.89
N ASP B 233 -27.49 -10.83 5.22
CA ASP B 233 -27.01 -10.88 6.59
C ASP B 233 -27.99 -10.19 7.55
N ASP B 234 -28.51 -9.04 7.13
CA ASP B 234 -29.53 -8.31 7.93
C ASP B 234 -30.85 -9.07 8.03
N ILE B 235 -31.27 -9.63 6.91
CA ILE B 235 -32.51 -10.39 6.90
C ILE B 235 -32.39 -11.57 7.85
N LEU B 236 -31.24 -12.23 7.79
CA LEU B 236 -31.01 -13.38 8.64
C LEU B 236 -30.97 -12.97 10.12
N ASP B 237 -30.41 -11.80 10.39
CA ASP B 237 -30.39 -11.25 11.75
C ASP B 237 -31.77 -11.02 12.30
N VAL B 238 -32.74 -10.74 11.44
CA VAL B 238 -34.13 -10.61 11.89
C VAL B 238 -34.68 -11.96 12.37
N THR B 239 -34.43 -13.04 11.65
CA THR B 239 -34.95 -14.33 12.12
C THR B 239 -34.27 -14.65 13.44
N LYS B 240 -32.96 -14.42 13.50
CA LYS B 240 -32.15 -14.76 14.67
C LYS B 240 -32.56 -13.93 15.88
N SER B 241 -32.72 -12.63 15.68
CA SER B 241 -33.22 -11.75 16.72
C SER B 241 -34.70 -11.60 16.47
N SER B 242 -35.50 -12.44 17.14
CA SER B 242 -36.97 -12.49 16.99
C SER B 242 -37.54 -13.82 17.52
N LYS B 243 -28.11 -0.91 14.42
CA LYS B 243 -28.48 0.50 14.26
C LYS B 243 -29.26 0.73 12.94
N LEU B 244 -28.52 0.68 11.84
CA LEU B 244 -29.04 0.89 10.49
C LEU B 244 -28.99 -0.46 9.77
N THR B 245 -30.15 -0.96 9.35
CA THR B 245 -30.22 -2.22 8.65
C THR B 245 -31.22 -2.12 7.51
N TYR B 246 -31.07 -3.01 6.53
CA TYR B 246 -31.94 -3.00 5.37
C TYR B 246 -33.40 -3.21 5.79
N PRO B 247 -33.67 -4.20 6.65
CA PRO B 247 -35.05 -4.38 7.07
C PRO B 247 -35.66 -3.21 7.79
N LYS B 248 -34.89 -2.53 8.63
CA LYS B 248 -35.38 -1.33 9.30
C LYS B 248 -35.59 -0.14 8.36
N LEU B 249 -34.75 -0.04 7.33
CA LEU B 249 -34.81 1.09 6.44
C LEU B 249 -35.78 0.91 5.27
N MSE B 250 -35.94 -0.33 4.80
CA MSE B 250 -36.79 -0.60 3.63
C MSE B 250 -38.12 -1.21 4.00
O MSE B 250 -39.09 -1.10 3.23
CB MSE B 250 -36.09 -1.53 2.66
CG MSE B 250 -34.76 -1.02 2.25
SE MSE B 250 -33.90 -2.24 0.98
CE MSE B 250 -35.11 -1.93 -0.48
N GLY B 251 -38.17 -1.84 5.16
CA GLY B 251 -39.14 -2.83 5.50
C GLY B 251 -38.60 -4.21 5.16
N LEU B 252 -39.02 -5.20 5.93
CA LEU B 252 -38.49 -6.55 5.72
C LEU B 252 -38.79 -7.18 4.35
N GLU B 253 -40.06 -7.21 3.92
CA GLU B 253 -40.39 -7.77 2.61
C GLU B 253 -39.65 -7.04 1.50
N LYS B 254 -39.59 -5.72 1.60
CA LYS B 254 -38.88 -4.91 0.61
C LYS B 254 -37.38 -5.25 0.60
N SER B 255 -36.84 -5.52 1.80
CA SER B 255 -35.42 -5.89 1.86
C SER B 255 -35.22 -7.28 1.19
N ARG B 256 -36.20 -8.17 1.35
CA ARG B 256 -36.14 -9.47 0.69
C ARG B 256 -36.20 -9.34 -0.82
N GLU B 257 -37.05 -8.42 -1.29
CA GLU B 257 -37.21 -8.16 -2.71
C GLU B 257 -35.91 -7.62 -3.33
N PHE B 258 -35.26 -6.72 -2.58
CA PHE B 258 -33.95 -6.17 -2.94
C PHE B 258 -32.92 -7.28 -3.09
N ALA B 259 -32.87 -8.18 -2.12
CA ALA B 259 -31.95 -9.35 -2.21
C ALA B 259 -32.23 -10.14 -3.47
N GLU B 260 -33.48 -10.44 -3.74
CA GLU B 260 -33.83 -11.22 -4.90
C GLU B 260 -33.35 -10.53 -6.16
N LYS B 261 -33.49 -9.21 -6.23
CA LYS B 261 -33.13 -8.49 -7.44
C LYS B 261 -31.63 -8.46 -7.65
N LEU B 262 -30.88 -8.35 -6.56
CA LEU B 262 -29.41 -8.35 -6.61
C LEU B 262 -28.91 -9.73 -7.05
N ASN B 263 -29.51 -10.76 -6.50
CA ASN B 263 -29.20 -12.12 -6.86
C ASN B 263 -29.43 -12.40 -8.35
N THR B 264 -30.57 -11.97 -8.88
CA THR B 264 -30.88 -12.08 -10.31
C THR B 264 -29.93 -11.27 -11.18
N GLU B 265 -29.71 -10.04 -10.77
CA GLU B 265 -28.78 -9.17 -11.47
C GLU B 265 -27.39 -9.79 -11.50
N ALA B 266 -26.93 -10.36 -10.38
CA ALA B 266 -25.62 -11.03 -10.38
C ALA B 266 -25.60 -12.16 -11.41
N ARG B 267 -26.65 -12.98 -11.38
CA ARG B 267 -26.74 -14.13 -12.28
C ARG B 267 -26.77 -13.74 -13.74
N ASP B 268 -27.50 -12.68 -14.05
CA ASP B 268 -27.51 -12.10 -15.37
C ASP B 268 -26.12 -11.79 -15.93
N GLN B 269 -25.22 -11.35 -15.07
CA GLN B 269 -23.89 -10.93 -15.50
C GLN B 269 -23.12 -12.08 -16.06
N LEU B 270 -23.45 -13.30 -15.66
CA LEU B 270 -22.71 -14.47 -16.11
C LEU B 270 -23.31 -15.15 -17.34
N LEU B 271 -24.30 -14.50 -17.96
CA LEU B 271 -24.85 -14.98 -19.22
C LEU B 271 -23.82 -14.90 -20.32
N GLY B 272 -23.76 -15.90 -21.19
CA GLY B 272 -22.77 -15.90 -22.28
C GLY B 272 -21.43 -16.57 -22.00
N PHE B 273 -21.20 -16.99 -20.76
CA PHE B 273 -20.05 -17.76 -20.40
C PHE B 273 -20.37 -19.26 -20.46
N ASP B 274 -19.34 -20.10 -20.34
CA ASP B 274 -19.55 -21.57 -20.28
C ASP B 274 -20.19 -21.97 -18.96
N SER B 275 -21.30 -22.71 -19.01
CA SER B 275 -22.05 -23.01 -17.77
C SER B 275 -21.22 -23.78 -16.72
N ASP B 276 -20.28 -24.61 -17.13
CA ASP B 276 -19.44 -25.35 -16.15
C ASP B 276 -18.51 -24.42 -15.38
N LYS B 277 -18.03 -23.39 -16.06
CA LYS B 277 -17.15 -22.41 -15.43
C LYS B 277 -17.93 -21.38 -14.64
N VAL B 278 -19.22 -21.30 -14.92
CA VAL B 278 -20.08 -20.38 -14.25
C VAL B 278 -20.50 -20.95 -12.92
N ALA B 279 -20.69 -22.26 -12.86
CA ALA B 279 -21.23 -22.90 -11.66
C ALA B 279 -20.48 -22.56 -10.34
N PRO B 280 -19.12 -22.59 -10.36
CA PRO B 280 -18.41 -22.15 -9.16
C PRO B 280 -18.73 -20.72 -8.72
N LEU B 281 -18.86 -19.79 -9.64
CA LEU B 281 -19.23 -18.43 -9.29
C LEU B 281 -20.66 -18.36 -8.66
N LEU B 282 -21.60 -19.14 -9.19
CA LEU B 282 -22.94 -19.24 -8.62
C LEU B 282 -22.90 -19.94 -7.27
N ALA B 283 -22.01 -20.92 -7.14
CA ALA B 283 -21.88 -21.66 -5.89
C ALA B 283 -21.27 -20.71 -4.83
N LEU B 284 -20.27 -19.93 -5.22
CA LEU B 284 -19.73 -18.97 -4.29
C LEU B 284 -20.88 -18.06 -3.87
N ALA B 285 -21.72 -17.73 -4.84
CA ALA B 285 -22.76 -16.75 -4.64
C ALA B 285 -23.64 -17.19 -3.48
N ASN B 286 -23.76 -18.51 -3.32
CA ASN B 286 -24.53 -19.14 -2.23
C ASN B 286 -23.73 -19.33 -0.90
N TYR B 287 -22.54 -19.93 -1.02
CA TYR B 287 -21.52 -20.17 0.08
C TYR B 287 -21.24 -19.06 1.09
N ILE B 288 -21.12 -17.82 0.60
CA ILE B 288 -20.67 -16.68 1.43
C ILE B 288 -21.52 -16.46 2.68
C20 GRG C . 4.69 -0.37 4.70
C19 GRG C . 5.72 1.85 4.39
C18 GRG C . 5.04 0.80 5.25
C17 GRG C . 4.77 1.07 6.70
C16 GRG C . 5.44 2.30 7.31
C14 GRG C . 5.64 3.65 10.18
C13 GRG C . 6.73 3.00 9.31
C15 GRG C . 6.38 1.85 8.42
C12 GRG C . 8.04 3.32 9.27
C11 GRG C . 8.73 4.41 10.03
C9 GRG C . 8.96 5.55 9.04
C8 GRG C . 9.89 6.64 9.49
C10 GRG C . 9.55 7.37 10.77
C7 GRG C . 10.96 6.90 8.69
C6 GRG C . 11.99 7.98 8.94
C5 GRG C . 11.96 8.82 7.65
C3 GRG C . 12.81 10.07 7.61
C4 GRG C . 14.25 9.94 7.12
C2 GRG C . 12.21 11.23 7.97
C1 GRG C . 12.88 12.57 7.96
O1 GRG C . 13.14 12.85 6.57
PA GRG C . 13.02 14.31 5.93
O1A GRG C . 13.27 14.16 4.45
O3A GRG C . 11.49 14.78 6.18
O2A GRG C . 14.03 15.23 6.63
PB GRG C . 10.77 15.97 5.38
O1B GRG C . 10.18 16.82 6.51
O2B GRG C . 11.78 16.67 4.53
O3B GRG C . 9.68 15.34 4.56
C1 PGO D . -8.78 0.11 7.78
C2 PGO D . -9.20 -0.68 6.55
C3 PGO D . -8.72 0.05 5.30
O1 PGO D . -9.67 0.03 8.89
O2 PGO D . -10.56 -1.07 6.41
C1 PGO E . 7.01 -12.12 -3.90
C2 PGO E . 8.47 -12.01 -3.53
C3 PGO E . 8.77 -12.57 -2.13
O1 PGO E . 6.58 -13.36 -3.36
O2 PGO E . 8.85 -10.64 -3.64
C1 BME F . -13.36 -6.45 3.26
C2 BME F . -13.64 -6.05 1.80
O1 BME F . -11.98 -6.72 3.57
S2 BME F . -14.59 -7.21 0.73
C1 BME G . -7.34 -10.84 12.99
C2 BME G . -7.47 -9.35 12.74
O1 BME G . -6.18 -11.11 13.73
S2 BME G . -7.13 -8.25 14.12
#